data_3V20
#
_entry.id   3V20
#
_cell.length_a   71.937
_cell.length_b   87.387
_cell.length_c   125.127
_cell.angle_alpha   90.00
_cell.angle_beta   90.00
_cell.angle_gamma   90.00
#
_symmetry.space_group_name_H-M   'P 21 21 2'
#
loop_
_entity.id
_entity.type
_entity.pdbx_description
1 polymer 'Endonuclease Bse634IR'
2 polymer "DNA (5'-D(*TP*CP*GP*CP*AP*CP*CP*GP*GP*TP*GP*CP*G)-3')"
3 non-polymer 'CHLORIDE ION'
4 non-polymer 'CALCIUM ION'
5 non-polymer 2-(2-(2-(2-(2-(2-ETHOXYETHOXY)ETHOXY)ETHOXY)ETHOXY)ETHOXY)ETHANOL
6 water water
#
loop_
_entity_poly.entity_id
_entity_poly.type
_entity_poly.pdbx_seq_one_letter_code
_entity_poly.pdbx_strand_id
1 'polypeptide(L)'
;MTTNLTNSNCVEEYKENGKTKIRIKPFNALIELYHHQTPTGSIKENLDKLENYVKDVVKAKGLAIPTSGAFSNTRGTWFE
VMIAIQSWNYRVKRELNDYLIIKMPNVKTFDFRKIFDNETREKLHQLEKSLLTHKQQVRLITSNPDLLIIRQKDLIKSEY
NLPINKLTHENIDVALTLFKDIEGKCKWDSLVAGVGLKTSLRPDRRLQLVHEGNILKSLFAHLKMAYWNPKAEFKYYGAS
SEPVSKADDDALQTAATHTIVNVNSTPERAVDDIFSLTSFEDIDKMLDQIIKK
;
A,B
2 'polydeoxyribonucleotide' (DT)(DC)(DG)(DC)(DA)(DC)(DC)(DG)(DG)(DT)(DG)(DC)(DG) C,D
#
# COMPACT_ATOMS: atom_id res chain seq x y z
N THR A 3 14.85 26.68 -56.82
CA THR A 3 16.20 26.03 -56.87
C THR A 3 17.18 26.65 -55.85
N ASN A 4 16.67 27.61 -55.06
CA ASN A 4 17.50 28.36 -54.11
C ASN A 4 17.91 27.55 -52.87
N LEU A 5 18.30 26.30 -53.10
CA LEU A 5 18.68 25.38 -52.02
C LEU A 5 19.96 25.83 -51.32
N THR A 6 20.79 26.58 -52.04
CA THR A 6 22.11 27.01 -51.55
C THR A 6 22.08 27.89 -50.30
N ASN A 7 20.95 28.55 -50.05
CA ASN A 7 20.79 29.41 -48.87
C ASN A 7 19.92 28.80 -47.74
N SER A 8 19.65 27.50 -47.86
CA SER A 8 18.96 26.76 -46.81
C SER A 8 19.82 26.64 -45.55
N ASN A 9 19.16 26.46 -44.43
CA ASN A 9 19.83 26.32 -43.16
C ASN A 9 19.55 24.98 -42.48
N CYS A 10 19.06 24.01 -43.27
CA CYS A 10 18.77 22.68 -42.72
C CYS A 10 20.05 21.89 -42.44
N VAL A 11 21.14 22.27 -43.08
CA VAL A 11 22.47 21.80 -42.70
C VAL A 11 23.34 22.94 -42.20
N GLU A 12 24.41 22.60 -41.50
CA GLU A 12 25.22 23.59 -40.80
C GLU A 12 26.66 23.10 -40.70
N GLU A 13 27.58 23.91 -41.19
CA GLU A 13 29.02 23.64 -41.09
C GLU A 13 29.53 23.95 -39.69
N TYR A 14 30.48 23.15 -39.21
CA TYR A 14 31.12 23.40 -37.91
C TYR A 14 32.53 22.80 -37.85
N LYS A 15 33.36 23.36 -36.98
CA LYS A 15 34.79 22.99 -36.91
C LYS A 15 35.07 21.91 -35.88
N GLU A 16 35.86 20.91 -36.29
CA GLU A 16 36.29 19.80 -35.44
C GLU A 16 37.62 19.24 -35.97
N ASN A 17 38.69 19.38 -35.18
CA ASN A 17 40.05 18.94 -35.53
C ASN A 17 40.49 19.48 -36.88
N GLY A 18 40.57 20.81 -36.99
CA GLY A 18 40.98 21.48 -38.23
C GLY A 18 40.22 21.06 -39.48
N LYS A 19 39.05 20.46 -39.29
CA LYS A 19 38.24 19.94 -40.40
C LYS A 19 36.81 20.47 -40.30
N THR A 20 36.28 20.99 -41.42
CA THR A 20 34.88 21.41 -41.48
C THR A 20 33.96 20.19 -41.53
N LYS A 21 33.07 20.09 -40.55
CA LYS A 21 32.17 18.96 -40.41
C LYS A 21 30.73 19.39 -40.72
N ILE A 22 29.90 18.43 -41.10
CA ILE A 22 28.51 18.72 -41.48
C ILE A 22 27.50 18.22 -40.44
N ARG A 23 26.48 19.03 -40.17
CA ARG A 23 25.46 18.68 -39.17
C ARG A 23 24.06 19.02 -39.68
N ILE A 24 23.15 18.04 -39.62
CA ILE A 24 21.77 18.26 -40.02
C ILE A 24 21.03 19.02 -38.91
N LYS A 25 20.28 20.05 -39.30
CA LYS A 25 19.44 20.78 -38.35
C LYS A 25 17.99 20.36 -38.59
N PRO A 26 17.47 19.40 -37.80
CA PRO A 26 16.17 18.77 -38.10
C PRO A 26 14.96 19.71 -38.00
N PHE A 27 14.97 20.57 -36.99
CA PHE A 27 13.90 21.53 -36.78
C PHE A 27 13.85 22.53 -37.93
N ASN A 28 15.01 23.05 -38.30
CA ASN A 28 15.15 23.95 -39.45
C ASN A 28 14.59 23.35 -40.74
N ALA A 29 14.78 22.05 -40.92
CA ALA A 29 14.25 21.38 -42.11
C ALA A 29 12.73 21.37 -42.06
N LEU A 30 12.16 21.07 -40.90
CA LEU A 30 10.72 21.15 -40.69
C LEU A 30 10.16 22.54 -41.04
N ILE A 31 10.77 23.59 -40.49
CA ILE A 31 10.29 24.96 -40.70
C ILE A 31 10.33 25.34 -42.18
N GLU A 32 11.46 25.08 -42.82
CA GLU A 32 11.67 25.42 -44.23
C GLU A 32 10.70 24.72 -45.18
N LEU A 33 10.19 23.55 -44.79
CA LEU A 33 9.22 22.84 -45.61
C LEU A 33 7.77 23.09 -45.20
N TYR A 34 7.55 23.47 -43.93
CA TYR A 34 6.19 23.59 -43.38
C TYR A 34 5.79 24.94 -42.75
N HIS A 35 6.51 26.02 -43.07
CA HIS A 35 6.24 27.36 -42.50
C HIS A 35 4.93 27.99 -42.98
N HIS A 36 4.27 27.34 -43.94
CA HIS A 36 3.00 27.81 -44.46
C HIS A 36 1.87 26.85 -44.12
N GLN A 37 2.20 25.58 -43.90
CA GLN A 37 1.22 24.53 -43.66
C GLN A 37 1.86 23.29 -43.05
N THR A 38 1.42 22.91 -41.85
CA THR A 38 1.86 21.67 -41.21
C THR A 38 1.58 20.48 -42.12
N PRO A 39 2.29 19.35 -41.91
CA PRO A 39 2.21 18.24 -42.86
C PRO A 39 0.89 17.47 -42.82
N THR A 40 0.49 16.98 -43.98
CA THR A 40 -0.72 16.20 -44.18
C THR A 40 -0.35 14.95 -44.98
N GLY A 41 -1.29 14.02 -45.15
CA GLY A 41 -1.04 12.81 -45.95
C GLY A 41 -0.24 11.73 -45.24
N SER A 42 0.66 11.08 -45.98
CA SER A 42 1.42 9.95 -45.46
C SER A 42 2.64 10.38 -44.64
N ILE A 43 2.70 9.91 -43.40
CA ILE A 43 3.83 10.22 -42.54
C ILE A 43 5.14 9.74 -43.17
N LYS A 44 5.19 8.44 -43.51
CA LYS A 44 6.39 7.81 -44.04
C LYS A 44 6.90 8.55 -45.27
N GLU A 45 5.98 9.01 -46.11
CA GLU A 45 6.37 9.78 -47.28
C GLU A 45 6.89 11.17 -46.94
N ASN A 46 6.33 11.80 -45.91
CA ASN A 46 6.80 13.11 -45.45
C ASN A 46 8.20 13.06 -44.85
N LEU A 47 8.53 11.93 -44.23
CA LEU A 47 9.85 11.72 -43.66
C LEU A 47 10.91 11.65 -44.75
N ASP A 48 10.58 10.94 -45.83
CA ASP A 48 11.46 10.84 -46.99
C ASP A 48 11.60 12.17 -47.73
N LYS A 49 10.51 12.94 -47.80
CA LYS A 49 10.55 14.28 -48.39
C LYS A 49 11.51 15.17 -47.61
N LEU A 50 11.44 15.12 -46.28
CA LEU A 50 12.37 15.86 -45.43
C LEU A 50 13.80 15.37 -45.63
N GLU A 51 13.99 14.06 -45.76
CA GLU A 51 15.33 13.49 -45.94
C GLU A 51 15.92 13.86 -47.31
N ASN A 52 15.08 13.83 -48.35
CA ASN A 52 15.52 14.19 -49.70
C ASN A 52 15.72 15.70 -49.89
N TYR A 53 15.04 16.50 -49.06
CA TYR A 53 15.30 17.93 -49.01
C TYR A 53 16.73 18.22 -48.53
N VAL A 54 17.07 17.77 -47.31
CA VAL A 54 18.44 17.95 -46.79
C VAL A 54 19.47 17.39 -47.77
N LYS A 55 19.22 16.19 -48.30
CA LYS A 55 20.13 15.57 -49.26
C LYS A 55 20.35 16.42 -50.51
N ASP A 56 19.32 17.15 -50.93
CA ASP A 56 19.42 18.09 -52.05
C ASP A 56 20.13 19.40 -51.64
N VAL A 57 19.90 19.84 -50.41
CA VAL A 57 20.57 21.03 -49.89
C VAL A 57 22.09 20.83 -49.83
N VAL A 58 22.55 19.70 -49.29
CA VAL A 58 23.99 19.43 -49.20
C VAL A 58 24.63 19.31 -50.61
N LYS A 59 23.95 18.60 -51.50
CA LYS A 59 24.41 18.30 -52.85
C LYS A 59 24.64 19.56 -53.68
N ALA A 60 23.68 20.48 -53.59
CA ALA A 60 23.73 21.76 -54.28
C ALA A 60 24.75 22.70 -53.64
N LYS A 61 25.00 22.50 -52.35
CA LYS A 61 26.00 23.27 -51.59
C LYS A 61 27.43 22.78 -51.83
N GLY A 62 27.56 21.62 -52.45
CA GLY A 62 28.87 21.00 -52.71
C GLY A 62 29.42 20.10 -51.61
N LEU A 63 28.60 19.81 -50.61
CA LEU A 63 29.08 19.12 -49.39
C LEU A 63 28.88 17.62 -49.36
N ALA A 64 29.52 17.00 -48.36
CA ALA A 64 29.42 15.58 -48.12
C ALA A 64 28.02 15.20 -47.60
N ILE A 65 27.50 14.05 -48.07
CA ILE A 65 26.23 13.51 -47.56
C ILE A 65 26.37 13.10 -46.08
N PRO A 66 25.43 13.56 -45.24
CA PRO A 66 25.42 13.10 -43.85
C PRO A 66 25.27 11.58 -43.80
N THR A 67 25.86 10.98 -42.78
CA THR A 67 25.78 9.54 -42.62
C THR A 67 24.37 9.03 -42.30
N SER A 68 24.23 7.71 -42.44
CA SER A 68 23.02 7.00 -42.09
C SER A 68 22.66 7.16 -40.61
N GLY A 69 23.68 7.25 -39.75
CA GLY A 69 23.45 7.54 -38.33
C GLY A 69 22.84 8.93 -38.09
N ALA A 70 23.23 9.89 -38.90
CA ALA A 70 22.78 11.28 -38.74
C ALA A 70 21.28 11.37 -39.05
N PHE A 71 20.86 10.57 -40.04
CA PHE A 71 19.48 10.59 -40.49
C PHE A 71 18.57 9.82 -39.56
N SER A 72 19.07 8.72 -39.01
CA SER A 72 18.37 7.97 -37.98
C SER A 72 18.02 8.90 -36.82
N ASN A 73 19.01 9.60 -36.30
CA ASN A 73 18.79 10.57 -35.23
C ASN A 73 17.74 11.61 -35.63
N THR A 74 17.91 12.18 -36.82
CA THR A 74 17.05 13.22 -37.40
C THR A 74 15.62 12.74 -37.71
N ARG A 75 15.48 11.60 -38.40
CA ARG A 75 14.17 11.05 -38.67
C ARG A 75 13.35 10.81 -37.39
N GLY A 76 14.02 10.38 -36.32
CA GLY A 76 13.39 10.16 -35.02
C GLY A 76 12.73 11.43 -34.50
N THR A 77 13.43 12.56 -34.67
CA THR A 77 12.92 13.86 -34.25
C THR A 77 11.75 14.33 -35.13
N TRP A 78 11.90 14.24 -36.45
CA TRP A 78 10.81 14.62 -37.36
C TRP A 78 9.49 13.91 -36.98
N PHE A 79 9.55 12.60 -36.84
CA PHE A 79 8.38 11.78 -36.47
C PHE A 79 7.77 12.24 -35.14
N GLU A 80 8.60 12.45 -34.14
CA GLU A 80 8.13 12.94 -32.83
C GLU A 80 7.47 14.31 -32.87
N VAL A 81 8.09 15.27 -33.57
CA VAL A 81 7.52 16.61 -33.70
C VAL A 81 6.19 16.56 -34.45
N MET A 82 6.10 15.72 -35.49
CA MET A 82 4.85 15.53 -36.24
C MET A 82 3.72 15.00 -35.39
N ILE A 83 4.02 14.00 -34.54
CA ILE A 83 3.01 13.41 -33.64
C ILE A 83 2.58 14.43 -32.59
N ALA A 84 3.56 15.08 -31.97
CA ALA A 84 3.29 16.10 -30.95
C ALA A 84 2.33 17.17 -31.43
N ILE A 85 2.65 17.75 -32.60
CA ILE A 85 1.89 18.85 -33.18
C ILE A 85 0.46 18.42 -33.50
N GLN A 86 0.33 17.24 -34.12
CA GLN A 86 -0.95 16.66 -34.46
C GLN A 86 -1.74 16.26 -33.21
N SER A 87 -1.06 15.89 -32.12
CA SER A 87 -1.70 15.65 -30.83
C SER A 87 -2.17 16.95 -30.17
N TRP A 88 -1.37 18.01 -30.31
CA TRP A 88 -1.79 19.34 -29.85
C TRP A 88 -3.12 19.74 -30.52
N ASN A 89 -3.19 19.59 -31.84
CA ASN A 89 -4.37 19.99 -32.59
C ASN A 89 -5.56 19.08 -32.39
N TYR A 90 -5.29 17.82 -32.08
CA TYR A 90 -6.35 16.83 -31.81
C TYR A 90 -7.24 17.28 -30.65
N ARG A 91 -6.62 17.72 -29.55
CA ARG A 91 -7.39 18.01 -28.35
C ARG A 91 -8.19 19.31 -28.50
N VAL A 92 -7.74 20.17 -29.40
CA VAL A 92 -8.41 21.41 -29.77
C VAL A 92 -9.66 21.11 -30.59
N LYS A 93 -9.50 20.49 -31.76
CA LYS A 93 -10.66 20.21 -32.63
C LYS A 93 -11.69 19.23 -32.03
N ARG A 94 -11.25 18.41 -31.07
CA ARG A 94 -12.12 17.48 -30.34
C ARG A 94 -12.73 18.12 -29.10
N GLU A 95 -12.26 19.31 -28.74
CA GLU A 95 -12.66 20.03 -27.52
C GLU A 95 -12.59 19.21 -26.23
N LEU A 96 -11.43 18.61 -26.00
CA LEU A 96 -11.23 17.83 -24.79
C LEU A 96 -10.60 18.73 -23.76
N ASN A 97 -11.43 19.50 -23.05
CA ASN A 97 -10.94 20.50 -22.11
C ASN A 97 -10.33 19.94 -20.81
N ASP A 98 -10.38 18.62 -20.62
CA ASP A 98 -9.72 17.99 -19.47
C ASP A 98 -8.56 17.03 -19.83
N TYR A 99 -8.15 16.99 -21.09
CA TYR A 99 -7.05 16.12 -21.56
C TYR A 99 -5.84 16.87 -22.12
N LEU A 100 -4.64 16.42 -21.75
CA LEU A 100 -3.39 16.89 -22.34
C LEU A 100 -2.66 15.72 -22.95
N ILE A 101 -2.15 15.90 -24.17
CA ILE A 101 -1.26 14.94 -24.79
C ILE A 101 0.11 15.61 -24.99
N ILE A 102 1.09 15.22 -24.15
CA ILE A 102 2.36 15.93 -24.03
C ILE A 102 3.56 15.17 -24.56
N LYS A 103 4.33 15.82 -25.43
CA LYS A 103 5.59 15.28 -25.90
C LYS A 103 6.65 15.52 -24.83
N MET A 104 7.22 14.44 -24.29
CA MET A 104 8.17 14.53 -23.19
C MET A 104 9.62 14.60 -23.66
N PRO A 105 10.48 15.34 -22.92
CA PRO A 105 11.90 15.38 -23.27
C PRO A 105 12.65 14.18 -22.64
N ASN A 106 13.97 14.15 -22.75
CA ASN A 106 14.74 13.06 -22.13
C ASN A 106 14.75 13.10 -20.59
N VAL A 107 15.13 11.98 -19.99
CA VAL A 107 15.05 11.77 -18.56
C VAL A 107 15.94 12.71 -17.71
N LYS A 108 17.04 13.20 -18.29
CA LYS A 108 17.90 14.17 -17.60
C LYS A 108 17.32 15.58 -17.62
N THR A 109 16.80 16.00 -18.77
CA THR A 109 16.13 17.29 -18.90
C THR A 109 14.92 17.41 -18.01
N PHE A 110 14.11 16.34 -17.97
CA PHE A 110 12.89 16.33 -17.16
C PHE A 110 12.46 14.89 -16.91
N ASP A 111 12.89 14.35 -15.78
CA ASP A 111 12.40 13.06 -15.29
C ASP A 111 10.87 13.14 -15.18
N PHE A 112 10.18 12.19 -15.79
CA PHE A 112 8.72 12.18 -15.85
C PHE A 112 8.04 12.11 -14.47
N ARG A 113 8.78 11.67 -13.44
CA ARG A 113 8.21 11.59 -12.09
C ARG A 113 8.00 12.99 -11.51
N LYS A 114 8.60 14.00 -12.15
CA LYS A 114 8.46 15.38 -11.71
C LYS A 114 7.05 15.91 -11.99
N ILE A 115 6.30 15.21 -12.85
CA ILE A 115 4.93 15.59 -13.18
C ILE A 115 4.01 15.55 -11.95
N PHE A 116 4.30 14.65 -11.02
CA PHE A 116 3.40 14.33 -9.92
C PHE A 116 3.45 15.35 -8.78
N ASP A 117 2.35 15.43 -8.02
CA ASP A 117 2.28 16.28 -6.83
C ASP A 117 3.16 15.74 -5.69
N ASN A 118 3.25 16.49 -4.60
CA ASN A 118 4.11 16.12 -3.47
C ASN A 118 3.76 14.78 -2.85
N GLU A 119 2.49 14.61 -2.50
CA GLU A 119 2.01 13.38 -1.87
C GLU A 119 2.41 12.12 -2.65
N THR A 120 2.34 12.20 -3.98
CA THR A 120 2.68 11.07 -4.82
C THR A 120 4.20 10.97 -5.02
N ARG A 121 4.88 12.11 -5.14
CA ARG A 121 6.34 12.10 -5.30
C ARG A 121 7.05 11.49 -4.08
N GLU A 122 6.45 11.64 -2.90
CA GLU A 122 6.98 11.03 -1.68
C GLU A 122 6.69 9.54 -1.59
N LYS A 123 5.53 9.11 -2.07
CA LYS A 123 5.22 7.69 -2.16
C LYS A 123 6.28 6.98 -3.01
N LEU A 124 6.61 7.59 -4.15
CA LEU A 124 7.61 7.06 -5.08
C LEU A 124 8.99 7.05 -4.46
N HIS A 125 9.30 8.11 -3.69
CA HIS A 125 10.56 8.19 -2.96
C HIS A 125 10.65 7.14 -1.85
N GLN A 126 9.53 6.84 -1.17
CA GLN A 126 9.49 5.73 -0.20
C GLN A 126 9.88 4.41 -0.86
N LEU A 127 9.35 4.20 -2.07
CA LEU A 127 9.69 3.01 -2.85
C LEU A 127 11.16 3.01 -3.25
N GLU A 128 11.61 4.09 -3.89
CA GLU A 128 12.99 4.23 -4.35
C GLU A 128 14.00 4.01 -3.22
N LYS A 129 13.72 4.65 -2.09
CA LYS A 129 14.58 4.54 -0.92
C LYS A 129 14.59 3.12 -0.35
N SER A 130 13.43 2.46 -0.35
CA SER A 130 13.35 1.10 0.20
C SER A 130 14.05 0.07 -0.68
N LEU A 131 14.10 0.34 -1.99
CA LEU A 131 14.71 -0.57 -2.95
C LEU A 131 16.25 -0.55 -2.88
N LEU A 132 16.80 0.51 -2.29
CA LEU A 132 18.25 0.65 -2.09
C LEU A 132 18.71 0.15 -0.72
N THR A 133 17.78 0.08 0.23
CA THR A 133 18.04 -0.39 1.59
C THR A 133 18.07 -1.93 1.64
N HIS A 134 19.03 -2.51 0.92
CA HIS A 134 19.27 -3.96 0.88
C HIS A 134 20.72 -4.20 0.49
N LYS A 135 21.24 -5.38 0.83
CA LYS A 135 22.61 -5.76 0.44
C LYS A 135 22.85 -5.57 -1.06
N GLN A 136 21.90 -6.02 -1.88
CA GLN A 136 21.95 -5.82 -3.34
C GLN A 136 21.06 -4.62 -3.71
N GLN A 137 21.68 -3.48 -4.02
CA GLN A 137 20.94 -2.27 -4.41
C GLN A 137 20.14 -2.44 -5.70
N VAL A 138 18.84 -2.12 -5.66
CA VAL A 138 18.03 -2.14 -6.90
C VAL A 138 17.31 -0.82 -7.16
N ARG A 139 17.04 -0.54 -8.44
CA ARG A 139 16.36 0.68 -8.87
C ARG A 139 15.19 0.33 -9.81
N LEU A 140 14.51 1.36 -10.31
CA LEU A 140 13.51 1.22 -11.37
C LEU A 140 13.71 2.29 -12.47
N ILE A 141 14.51 1.97 -13.48
CA ILE A 141 14.94 2.92 -14.51
C ILE A 141 14.44 2.59 -15.93
N THR A 142 14.09 3.65 -16.66
CA THR A 142 13.65 3.56 -18.06
C THR A 142 13.78 4.90 -18.78
N SER A 143 13.83 4.87 -20.11
CA SER A 143 13.79 6.12 -20.87
C SER A 143 12.40 6.75 -20.71
N ASN A 144 12.32 8.09 -20.76
CA ASN A 144 11.03 8.83 -20.64
C ASN A 144 10.03 8.38 -21.70
N PRO A 145 8.74 8.23 -21.33
CA PRO A 145 7.79 7.92 -22.41
C PRO A 145 7.76 9.08 -23.42
N ASP A 146 7.54 8.78 -24.70
CA ASP A 146 7.45 9.83 -25.72
C ASP A 146 6.26 10.78 -25.57
N LEU A 147 5.07 10.23 -25.38
CA LEU A 147 3.86 11.01 -25.12
C LEU A 147 3.22 10.57 -23.82
N LEU A 148 2.80 11.55 -23.01
CA LEU A 148 1.94 11.29 -21.86
C LEU A 148 0.54 11.82 -22.10
N ILE A 149 -0.46 11.02 -21.75
CA ILE A 149 -1.85 11.46 -21.76
C ILE A 149 -2.34 11.64 -20.32
N ILE A 150 -2.76 12.85 -20.02
CA ILE A 150 -3.12 13.27 -18.68
C ILE A 150 -4.53 13.82 -18.67
N ARG A 151 -5.35 13.31 -17.74
CA ARG A 151 -6.70 13.83 -17.54
C ARG A 151 -6.83 14.58 -16.21
N GLN A 152 -6.82 15.91 -16.30
CA GLN A 152 -6.94 16.77 -15.12
C GLN A 152 -7.38 18.17 -15.56
N LYS A 153 -8.62 18.53 -15.23
CA LYS A 153 -9.23 19.76 -15.69
C LYS A 153 -8.44 21.02 -15.31
N ASP A 154 -7.99 21.10 -14.07
CA ASP A 154 -7.33 22.33 -13.60
C ASP A 154 -5.97 22.62 -14.28
N LEU A 155 -5.53 21.73 -15.16
CA LEU A 155 -4.27 21.88 -15.89
C LEU A 155 -4.41 22.59 -17.23
N ILE A 156 -5.63 22.61 -17.78
CA ILE A 156 -5.83 23.20 -19.10
C ILE A 156 -5.97 24.70 -18.99
N LYS A 157 -5.16 25.43 -19.77
CA LYS A 157 -5.32 26.87 -19.92
C LYS A 157 -5.71 27.26 -21.35
N SER A 158 -6.39 28.41 -21.47
CA SER A 158 -6.95 28.88 -22.75
C SER A 158 -5.94 28.98 -23.89
N GLU A 159 -4.69 29.26 -23.53
CA GLU A 159 -3.56 29.30 -24.47
C GLU A 159 -3.42 28.01 -25.29
N TYR A 160 -3.77 26.87 -24.69
CA TYR A 160 -3.65 25.56 -25.36
C TYR A 160 -4.69 25.32 -26.46
N ASN A 161 -5.75 26.13 -26.48
CA ASN A 161 -6.87 25.91 -27.39
C ASN A 161 -6.70 26.58 -28.75
N LEU A 162 -5.53 27.17 -28.95
CA LEU A 162 -5.19 27.77 -30.24
C LEU A 162 -4.38 26.76 -31.07
N PRO A 163 -4.88 26.44 -32.27
CA PRO A 163 -4.30 25.37 -33.09
C PRO A 163 -3.00 25.78 -33.80
N ILE A 164 -2.17 24.80 -34.11
CA ILE A 164 -0.90 25.06 -34.80
C ILE A 164 -1.04 24.74 -36.29
N ASN A 165 -1.17 25.80 -37.09
CA ASN A 165 -1.44 25.69 -38.52
C ASN A 165 -0.16 25.66 -39.38
N LYS A 166 0.94 26.13 -38.80
CA LYS A 166 2.22 26.21 -39.52
C LYS A 166 3.38 25.89 -38.57
N LEU A 167 4.50 25.43 -39.11
CA LEU A 167 5.67 25.11 -38.29
C LEU A 167 6.69 26.24 -38.28
N THR A 168 6.78 26.92 -37.15
CA THR A 168 7.79 27.93 -36.91
C THR A 168 8.63 27.54 -35.69
N HIS A 169 9.79 28.16 -35.53
N HIS A 169 9.80 28.15 -35.54
CA HIS A 169 10.63 27.96 -34.35
CA HIS A 169 10.65 28.01 -34.35
C HIS A 169 9.85 28.16 -33.04
C HIS A 169 9.79 28.09 -33.09
N GLU A 170 8.94 29.12 -33.05
CA GLU A 170 8.13 29.45 -31.86
C GLU A 170 6.99 28.46 -31.59
N ASN A 171 6.34 27.99 -32.66
CA ASN A 171 5.29 26.95 -32.58
C ASN A 171 5.82 25.63 -32.06
N ILE A 172 6.93 25.17 -32.65
CA ILE A 172 7.54 23.90 -32.27
C ILE A 172 7.95 23.96 -30.80
N ASP A 173 8.50 25.11 -30.41
CA ASP A 173 8.98 25.32 -29.05
C ASP A 173 7.89 25.21 -27.98
N VAL A 174 6.69 25.74 -28.26
CA VAL A 174 5.58 25.61 -27.29
C VAL A 174 5.08 24.18 -27.15
N ALA A 175 4.99 23.46 -28.27
CA ALA A 175 4.66 22.05 -28.26
C ALA A 175 5.71 21.26 -27.46
N LEU A 176 6.98 21.57 -27.69
CA LEU A 176 8.09 20.88 -27.03
C LEU A 176 8.45 21.40 -25.63
N THR A 177 7.77 22.43 -25.13
CA THR A 177 7.97 22.83 -23.73
C THR A 177 6.72 22.75 -22.85
N LEU A 178 5.60 22.34 -23.43
CA LEU A 178 4.37 22.13 -22.68
C LEU A 178 4.53 21.34 -21.36
N PHE A 179 5.41 20.34 -21.36
CA PHE A 179 5.72 19.56 -20.16
C PHE A 179 6.04 20.45 -18.94
N LYS A 180 6.70 21.59 -19.19
CA LYS A 180 7.09 22.51 -18.13
C LYS A 180 5.91 23.00 -17.30
N ASP A 181 4.76 23.19 -17.96
CA ASP A 181 3.55 23.71 -17.30
C ASP A 181 3.00 22.79 -16.22
N ILE A 182 3.24 21.50 -16.34
CA ILE A 182 2.62 20.52 -15.46
C ILE A 182 3.51 20.00 -14.32
N GLU A 183 4.72 20.54 -14.20
CA GLU A 183 5.66 20.17 -13.15
C GLU A 183 5.08 20.36 -11.73
N GLY A 184 4.77 19.24 -11.07
CA GLY A 184 4.31 19.21 -9.69
C GLY A 184 2.80 19.15 -9.49
N LYS A 185 2.05 19.28 -10.58
CA LYS A 185 0.62 19.53 -10.50
C LYS A 185 -0.29 18.32 -10.67
N CYS A 186 0.26 17.17 -11.04
CA CYS A 186 -0.54 15.98 -11.36
C CYS A 186 -0.83 15.05 -10.19
N LYS A 187 -2.10 14.70 -10.02
CA LYS A 187 -2.47 13.65 -9.09
C LYS A 187 -2.16 12.32 -9.77
N TRP A 188 -1.76 11.32 -8.97
CA TRP A 188 -1.27 10.06 -9.49
C TRP A 188 -2.22 9.43 -10.52
N ASP A 189 -3.52 9.47 -10.25
CA ASP A 189 -4.48 8.80 -11.12
C ASP A 189 -5.01 9.68 -12.26
N SER A 190 -4.31 10.80 -12.49
CA SER A 190 -4.57 11.67 -13.62
C SER A 190 -3.80 11.23 -14.85
N LEU A 191 -2.62 10.64 -14.63
CA LEU A 191 -1.82 10.06 -15.71
C LEU A 191 -2.56 8.81 -16.16
N VAL A 192 -3.06 8.80 -17.39
CA VAL A 192 -3.92 7.70 -17.86
C VAL A 192 -3.30 6.78 -18.90
N ALA A 193 -2.39 7.30 -19.73
CA ALA A 193 -1.70 6.46 -20.70
C ALA A 193 -0.37 7.06 -21.12
N GLY A 194 0.53 6.21 -21.62
CA GLY A 194 1.76 6.66 -22.29
C GLY A 194 1.91 6.01 -23.66
N VAL A 195 2.71 6.61 -24.53
CA VAL A 195 2.94 6.07 -25.87
C VAL A 195 4.43 6.14 -26.24
N GLY A 196 4.95 5.02 -26.77
CA GLY A 196 6.30 4.96 -27.30
C GLY A 196 6.25 5.05 -28.81
N LEU A 197 7.01 5.98 -29.38
CA LEU A 197 6.98 6.25 -30.83
C LEU A 197 8.27 5.85 -31.53
N LYS A 198 8.17 5.09 -32.64
CA LYS A 198 9.35 4.66 -33.38
C LYS A 198 9.12 4.75 -34.88
N THR A 199 10.07 5.26 -35.66
CA THR A 199 9.82 5.34 -37.10
C THR A 199 9.69 3.93 -37.65
N SER A 200 10.49 3.01 -37.12
CA SER A 200 10.48 1.61 -37.51
C SER A 200 10.73 0.75 -36.31
N LEU A 201 10.42 -0.54 -36.44
CA LEU A 201 10.70 -1.51 -35.41
C LEU A 201 11.83 -2.45 -35.88
N ARG A 202 12.38 -3.22 -34.94
CA ARG A 202 13.32 -4.31 -35.21
C ARG A 202 13.08 -5.30 -34.08
N PRO A 203 13.37 -6.58 -34.31
CA PRO A 203 13.14 -7.58 -33.23
C PRO A 203 13.81 -7.22 -31.90
N ASP A 204 14.87 -6.42 -31.92
CA ASP A 204 15.50 -6.01 -30.65
C ASP A 204 14.91 -4.70 -30.11
N ARG A 205 14.84 -3.67 -30.94
CA ARG A 205 14.32 -2.37 -30.53
C ARG A 205 12.87 -2.38 -30.09
N ARG A 206 12.08 -3.37 -30.52
CA ARG A 206 10.67 -3.44 -30.19
C ARG A 206 10.47 -3.90 -28.73
N LEU A 207 11.44 -4.61 -28.20
CA LEU A 207 11.43 -5.07 -26.81
C LEU A 207 11.66 -3.92 -25.82
N GLN A 208 12.12 -2.80 -26.33
CA GLN A 208 12.26 -1.58 -25.55
C GLN A 208 10.90 -1.04 -25.11
N LEU A 209 9.88 -1.20 -25.97
CA LEU A 209 8.51 -0.77 -25.66
C LEU A 209 7.96 -1.59 -24.50
N VAL A 210 8.19 -2.91 -24.54
CA VAL A 210 7.78 -3.82 -23.46
C VAL A 210 8.45 -3.47 -22.13
N HIS A 211 9.77 -3.29 -22.14
CA HIS A 211 10.45 -2.88 -20.92
C HIS A 211 9.82 -1.61 -20.32
N GLU A 212 9.68 -0.59 -21.16
CA GLU A 212 9.09 0.70 -20.75
C GLU A 212 7.74 0.55 -20.07
N GLY A 213 6.82 -0.16 -20.71
CA GLY A 213 5.48 -0.39 -20.19
C GLY A 213 5.50 -1.22 -18.91
N ASN A 214 6.40 -2.19 -18.86
CA ASN A 214 6.59 -2.98 -17.66
C ASN A 214 7.00 -2.10 -16.49
N ILE A 215 7.97 -1.22 -16.70
CA ILE A 215 8.46 -0.37 -15.62
C ILE A 215 7.39 0.65 -15.17
N LEU A 216 6.74 1.32 -16.12
CA LEU A 216 5.72 2.31 -15.81
C LEU A 216 4.53 1.72 -15.04
N LYS A 217 4.14 0.50 -15.39
CA LYS A 217 2.98 -0.14 -14.80
C LYS A 217 3.33 -0.62 -13.39
N SER A 218 4.61 -0.87 -13.18
CA SER A 218 5.13 -1.32 -11.91
C SER A 218 5.10 -0.16 -10.92
N LEU A 219 5.60 0.99 -11.35
CA LEU A 219 5.43 2.23 -10.58
C LEU A 219 3.95 2.47 -10.26
N PHE A 220 3.09 2.29 -11.25
CA PHE A 220 1.66 2.56 -11.10
C PHE A 220 0.93 1.54 -10.18
N ALA A 221 1.30 0.26 -10.31
CA ALA A 221 0.77 -0.80 -9.44
C ALA A 221 1.07 -0.48 -7.99
N HIS A 222 2.26 0.07 -7.75
CA HIS A 222 2.65 0.52 -6.41
C HIS A 222 1.75 1.65 -5.92
N LEU A 223 1.47 2.61 -6.80
CA LEU A 223 0.58 3.71 -6.44
C LEU A 223 -0.86 3.25 -6.20
N LYS A 224 -1.33 2.28 -6.97
CA LYS A 224 -2.64 1.65 -6.75
C LYS A 224 -2.76 1.03 -5.35
N MET A 225 -1.67 0.41 -4.89
CA MET A 225 -1.60 -0.22 -3.56
C MET A 225 -1.55 0.79 -2.42
N ALA A 226 -0.62 1.75 -2.49
CA ALA A 226 -0.49 2.78 -1.44
C ALA A 226 -1.79 3.53 -1.19
N TYR A 227 -2.52 3.84 -2.26
CA TYR A 227 -3.80 4.53 -2.16
C TYR A 227 -4.99 3.56 -2.06
N TRP A 228 -4.71 2.26 -2.12
CA TRP A 228 -5.72 1.19 -2.10
C TRP A 228 -6.90 1.48 -3.04
N ASN A 229 -6.59 1.73 -4.31
CA ASN A 229 -7.57 2.06 -5.34
C ASN A 229 -7.53 1.06 -6.50
N PRO A 230 -8.47 0.10 -6.52
CA PRO A 230 -8.40 -0.95 -7.53
C PRO A 230 -9.00 -0.55 -8.89
N LYS A 231 -9.55 0.65 -8.99
CA LYS A 231 -10.26 1.08 -10.19
C LYS A 231 -9.36 1.80 -11.21
N ALA A 232 -8.37 2.55 -10.72
CA ALA A 232 -7.49 3.34 -11.58
C ALA A 232 -6.64 2.46 -12.49
N GLU A 233 -6.45 2.92 -13.72
CA GLU A 233 -5.67 2.18 -14.71
C GLU A 233 -4.65 3.09 -15.38
N PHE A 234 -3.51 2.50 -15.74
CA PHE A 234 -2.55 3.13 -16.62
C PHE A 234 -2.29 2.18 -17.79
N LYS A 235 -2.40 2.70 -19.00
CA LYS A 235 -2.21 1.88 -20.19
C LYS A 235 -1.00 2.37 -20.96
N TYR A 236 -0.32 1.47 -21.64
CA TYR A 236 0.84 1.84 -22.42
C TYR A 236 0.76 1.27 -23.82
N TYR A 237 1.20 2.07 -24.80
CA TYR A 237 1.01 1.80 -26.23
C TYR A 237 2.27 2.04 -27.05
N GLY A 238 2.38 1.31 -28.16
CA GLY A 238 3.44 1.57 -29.13
C GLY A 238 2.86 2.09 -30.42
N ALA A 239 3.69 2.83 -31.18
CA ALA A 239 3.28 3.32 -32.50
C ALA A 239 4.44 3.43 -33.46
N SER A 240 4.25 2.86 -34.65
CA SER A 240 5.27 2.79 -35.69
C SER A 240 4.82 3.57 -36.93
N SER A 241 5.76 3.99 -37.77
CA SER A 241 5.38 4.67 -39.03
C SER A 241 5.32 3.69 -40.19
N GLU A 242 5.61 2.42 -39.90
CA GLU A 242 5.66 1.32 -40.86
C GLU A 242 4.60 0.26 -40.57
N PRO A 243 4.39 -0.69 -41.51
CA PRO A 243 3.52 -1.80 -41.17
C PRO A 243 4.07 -2.59 -40.00
N VAL A 244 3.16 -3.09 -39.18
CA VAL A 244 3.50 -3.86 -37.99
C VAL A 244 3.25 -5.32 -38.34
N SER A 245 4.30 -6.14 -38.34
CA SER A 245 4.13 -7.53 -38.72
C SER A 245 3.46 -8.32 -37.59
N LYS A 246 3.14 -9.59 -37.87
CA LYS A 246 2.63 -10.51 -36.87
C LYS A 246 3.64 -10.75 -35.75
N ALA A 247 4.92 -10.85 -36.12
CA ALA A 247 6.02 -11.05 -35.16
C ALA A 247 6.12 -9.89 -34.18
N ASP A 248 6.05 -8.67 -34.72
CA ASP A 248 6.02 -7.45 -33.89
C ASP A 248 4.86 -7.57 -32.91
N ASP A 249 3.70 -8.02 -33.41
CA ASP A 249 2.47 -8.15 -32.60
C ASP A 249 2.67 -9.14 -31.45
N ASP A 250 3.08 -10.35 -31.77
CA ASP A 250 3.39 -11.36 -30.76
C ASP A 250 4.35 -10.85 -29.66
N ALA A 251 5.47 -10.24 -30.05
CA ALA A 251 6.43 -9.71 -29.09
C ALA A 251 5.77 -8.70 -28.15
N LEU A 252 4.97 -7.78 -28.73
CA LEU A 252 4.34 -6.74 -27.94
C LEU A 252 3.09 -7.24 -27.18
N GLN A 253 2.82 -8.55 -27.23
CA GLN A 253 1.83 -9.18 -26.34
C GLN A 253 2.42 -9.66 -25.00
N THR A 254 3.70 -9.34 -24.78
CA THR A 254 4.41 -9.81 -23.61
C THR A 254 3.88 -9.24 -22.29
N ALA A 255 3.72 -10.12 -21.30
CA ALA A 255 3.14 -9.76 -20.02
C ALA A 255 3.94 -8.71 -19.28
N ALA A 256 3.25 -7.89 -18.51
CA ALA A 256 3.85 -7.17 -17.39
C ALA A 256 4.07 -8.24 -16.30
N THR A 257 5.30 -8.65 -16.11
CA THR A 257 5.60 -9.86 -15.34
C THR A 257 5.06 -9.95 -13.89
N HIS A 258 4.84 -8.80 -13.26
CA HIS A 258 4.31 -8.78 -11.89
C HIS A 258 2.82 -9.16 -11.85
N THR A 259 2.20 -9.25 -13.01
CA THR A 259 0.79 -9.60 -13.08
C THR A 259 0.55 -11.08 -13.35
N ILE A 260 1.62 -11.89 -13.43
CA ILE A 260 1.46 -13.33 -13.71
C ILE A 260 1.99 -14.30 -12.62
N VAL A 261 2.23 -13.79 -11.42
CA VAL A 261 2.80 -14.63 -10.35
C VAL A 261 1.85 -15.75 -9.87
N ASN A 262 0.57 -15.41 -9.68
CA ASN A 262 -0.34 -16.40 -9.12
C ASN A 262 -1.41 -16.88 -10.10
N VAL A 263 -1.77 -18.15 -9.99
CA VAL A 263 -2.68 -18.82 -10.92
C VAL A 263 -4.03 -18.10 -11.20
N ASN A 264 -4.43 -17.24 -10.27
N ASN A 264 -4.46 -17.25 -10.27
CA ASN A 264 -5.74 -16.57 -10.31
CA ASN A 264 -5.76 -16.58 -10.37
C ASN A 264 -5.70 -15.10 -10.71
C ASN A 264 -5.70 -15.10 -10.76
N SER A 265 -4.49 -14.55 -10.85
CA SER A 265 -4.29 -13.16 -11.28
C SER A 265 -4.67 -13.05 -12.74
N THR A 266 -5.28 -11.92 -13.09
CA THR A 266 -5.52 -11.59 -14.49
C THR A 266 -4.22 -11.02 -15.12
N PRO A 267 -3.59 -11.80 -16.02
CA PRO A 267 -2.42 -11.35 -16.77
C PRO A 267 -2.66 -10.00 -17.47
N GLU A 268 -1.68 -9.11 -17.37
CA GLU A 268 -1.73 -7.83 -18.08
C GLU A 268 -0.55 -7.71 -19.05
N ARG A 269 -0.84 -7.25 -20.28
CA ARG A 269 0.19 -6.95 -21.28
C ARG A 269 0.97 -5.72 -20.84
N ALA A 270 2.28 -5.71 -21.09
CA ALA A 270 3.09 -4.51 -20.81
C ALA A 270 2.72 -3.37 -21.79
N VAL A 271 2.50 -3.74 -23.05
CA VAL A 271 2.08 -2.79 -24.07
C VAL A 271 0.67 -3.21 -24.47
N ASP A 272 -0.31 -2.36 -24.15
CA ASP A 272 -1.69 -2.72 -24.34
C ASP A 272 -2.06 -2.85 -25.81
N ASP A 273 -1.41 -2.08 -26.68
CA ASP A 273 -1.69 -2.13 -28.11
C ASP A 273 -0.57 -1.43 -28.91
N ILE A 274 -0.46 -1.79 -30.19
CA ILE A 274 0.55 -1.23 -31.10
C ILE A 274 -0.16 -0.71 -32.33
N PHE A 275 0.10 0.54 -32.68
CA PHE A 275 -0.56 1.22 -33.80
C PHE A 275 0.38 1.41 -34.96
N SER A 276 -0.12 1.16 -36.15
CA SER A 276 0.62 1.43 -37.38
C SER A 276 0.10 2.74 -37.96
N LEU A 277 0.87 3.81 -37.81
CA LEU A 277 0.49 5.16 -38.27
C LEU A 277 0.90 5.44 -39.71
N THR A 278 0.03 5.09 -40.66
CA THR A 278 0.31 5.32 -42.10
C THR A 278 0.14 6.78 -42.50
N SER A 279 -0.98 7.36 -42.07
CA SER A 279 -1.32 8.74 -42.39
C SER A 279 -1.57 9.54 -41.11
N PHE A 280 -1.64 10.86 -41.25
CA PHE A 280 -1.91 11.72 -40.11
C PHE A 280 -3.26 11.40 -39.48
N GLU A 281 -4.22 11.06 -40.34
CA GLU A 281 -5.52 10.56 -39.91
C GLU A 281 -5.39 9.44 -38.86
N ASP A 282 -4.46 8.51 -39.06
CA ASP A 282 -4.24 7.43 -38.11
C ASP A 282 -3.83 7.91 -36.72
N ILE A 283 -3.12 9.06 -36.66
CA ILE A 283 -2.79 9.65 -35.36
C ILE A 283 -4.07 10.03 -34.59
N ASP A 284 -5.02 10.66 -35.30
CA ASP A 284 -6.34 10.93 -34.75
C ASP A 284 -7.04 9.64 -34.32
N LYS A 285 -7.00 8.60 -35.16
CA LYS A 285 -7.64 7.31 -34.82
C LYS A 285 -7.08 6.67 -33.55
N MET A 286 -5.77 6.70 -33.41
CA MET A 286 -5.10 6.12 -32.24
C MET A 286 -5.52 6.83 -30.95
N LEU A 287 -5.43 8.16 -30.98
CA LEU A 287 -5.84 8.96 -29.83
C LEU A 287 -7.30 8.69 -29.44
N ASP A 288 -8.16 8.49 -30.44
CA ASP A 288 -9.56 8.08 -30.18
C ASP A 288 -9.65 6.80 -29.35
N GLN A 289 -8.80 5.82 -29.62
CA GLN A 289 -8.86 4.56 -28.89
C GLN A 289 -8.28 4.69 -27.49
N ILE A 290 -7.22 5.48 -27.37
CA ILE A 290 -6.51 5.62 -26.12
C ILE A 290 -7.35 6.35 -25.09
N ILE A 291 -7.95 7.45 -25.53
CA ILE A 291 -8.66 8.36 -24.65
C ILE A 291 -10.10 7.89 -24.41
N LYS A 292 -10.74 7.41 -25.46
CA LYS A 292 -12.14 7.00 -25.39
C LYS A 292 -12.33 5.52 -25.75
N LEU B 5 -19.79 -16.56 56.97
CA LEU B 5 -19.87 -16.46 55.48
C LEU B 5 -21.29 -16.15 55.02
N THR B 6 -22.22 -16.07 55.97
CA THR B 6 -23.61 -15.71 55.72
C THR B 6 -23.72 -14.23 55.32
N ASN B 7 -22.69 -13.46 55.68
CA ASN B 7 -22.64 -12.02 55.43
C ASN B 7 -22.12 -11.63 54.02
N SER B 8 -21.53 -12.59 53.31
CA SER B 8 -20.77 -12.29 52.09
C SER B 8 -21.64 -11.94 50.89
N ASN B 9 -21.07 -11.18 49.96
CA ASN B 9 -21.78 -10.71 48.78
C ASN B 9 -21.34 -11.37 47.48
N CYS B 10 -20.50 -12.41 47.57
CA CYS B 10 -19.98 -13.11 46.39
C CYS B 10 -21.07 -13.81 45.59
N VAL B 11 -22.27 -13.90 46.18
CA VAL B 11 -23.46 -14.37 45.48
C VAL B 11 -24.64 -13.42 45.73
N GLU B 12 -25.64 -13.46 44.86
CA GLU B 12 -26.71 -12.47 44.85
C GLU B 12 -28.03 -13.09 44.45
N GLU B 13 -29.05 -12.90 45.29
CA GLU B 13 -30.40 -13.39 45.03
C GLU B 13 -31.12 -12.48 44.02
N TYR B 14 -31.73 -13.10 43.00
CA TYR B 14 -32.58 -12.38 42.05
C TYR B 14 -33.76 -13.21 41.56
N LYS B 15 -34.91 -12.56 41.37
CA LYS B 15 -36.13 -13.25 41.01
C LYS B 15 -36.21 -13.50 39.50
N GLU B 16 -36.70 -14.66 39.12
CA GLU B 16 -36.96 -14.99 37.71
C GLU B 16 -38.10 -16.02 37.58
N ASN B 17 -39.24 -15.56 37.07
CA ASN B 17 -40.43 -16.40 36.88
C ASN B 17 -40.84 -17.15 38.14
N GLY B 18 -41.08 -16.42 39.22
CA GLY B 18 -41.41 -17.04 40.50
C GLY B 18 -40.21 -17.56 41.27
N LYS B 19 -39.25 -18.17 40.57
CA LYS B 19 -38.03 -18.72 41.19
C LYS B 19 -37.11 -17.64 41.73
N THR B 20 -36.52 -17.88 42.89
CA THR B 20 -35.41 -17.07 43.38
C THR B 20 -34.11 -17.78 43.00
N LYS B 21 -33.37 -17.19 42.06
CA LYS B 21 -32.17 -17.80 41.51
C LYS B 21 -30.91 -17.15 42.08
N ILE B 22 -29.78 -17.83 41.93
CA ILE B 22 -28.48 -17.35 42.42
C ILE B 22 -27.53 -16.91 41.30
N ARG B 23 -26.87 -15.79 41.55
CA ARG B 23 -25.91 -15.22 40.62
C ARG B 23 -24.58 -15.08 41.36
N ILE B 24 -23.49 -15.54 40.74
CA ILE B 24 -22.17 -15.34 41.32
C ILE B 24 -21.73 -13.94 40.97
N LYS B 25 -21.08 -13.27 41.92
CA LYS B 25 -20.50 -11.95 41.69
C LYS B 25 -18.98 -12.06 41.79
N PRO B 26 -18.32 -12.36 40.66
CA PRO B 26 -16.88 -12.64 40.64
C PRO B 26 -16.06 -11.51 41.26
N PHE B 27 -16.38 -10.27 40.93
CA PHE B 27 -15.67 -9.12 41.46
C PHE B 27 -15.86 -8.98 42.96
N ASN B 28 -17.10 -9.16 43.42
CA ASN B 28 -17.39 -9.17 44.86
C ASN B 28 -16.56 -10.22 45.61
N ALA B 29 -16.44 -11.41 45.00
CA ALA B 29 -15.62 -12.49 45.55
C ALA B 29 -14.15 -12.12 45.65
N LEU B 30 -13.63 -11.41 44.65
CA LEU B 30 -12.25 -10.95 44.64
C LEU B 30 -11.98 -9.92 45.75
N ILE B 31 -12.93 -9.02 45.98
CA ILE B 31 -12.78 -7.97 46.97
C ILE B 31 -12.75 -8.54 48.38
N GLU B 32 -13.64 -9.50 48.66
CA GLU B 32 -13.77 -10.06 50.00
C GLU B 32 -12.59 -10.94 50.40
N LEU B 33 -11.84 -11.45 49.43
CA LEU B 33 -10.71 -12.32 49.69
C LEU B 33 -9.37 -11.58 49.68
N TYR B 34 -9.32 -10.40 49.07
CA TYR B 34 -8.07 -9.67 48.89
C TYR B 34 -8.17 -8.15 49.18
N HIS B 35 -8.90 -7.79 50.23
CA HIS B 35 -9.04 -6.38 50.60
C HIS B 35 -7.84 -5.81 51.39
N HIS B 36 -6.92 -6.68 51.79
CA HIS B 36 -5.69 -6.28 52.48
C HIS B 36 -4.49 -6.24 51.54
N GLN B 37 -4.36 -7.28 50.72
CA GLN B 37 -3.22 -7.42 49.81
C GLN B 37 -3.61 -8.20 48.55
N THR B 38 -3.08 -7.79 47.41
CA THR B 38 -3.34 -8.44 46.12
C THR B 38 -2.76 -9.84 46.09
N PRO B 39 -3.46 -10.79 45.42
CA PRO B 39 -3.04 -12.20 45.40
C PRO B 39 -1.61 -12.41 44.93
N THR B 40 -0.89 -13.30 45.62
CA THR B 40 0.47 -13.67 45.28
C THR B 40 0.57 -15.20 45.24
N GLY B 41 1.67 -15.72 44.69
CA GLY B 41 1.92 -17.17 44.69
C GLY B 41 1.39 -17.93 43.49
N SER B 42 0.61 -18.99 43.76
CA SER B 42 0.12 -19.90 42.71
C SER B 42 -1.30 -19.59 42.21
N ILE B 43 -1.52 -19.75 40.91
CA ILE B 43 -2.77 -19.30 40.26
C ILE B 43 -3.96 -20.26 40.42
N LYS B 44 -3.70 -21.57 40.38
CA LYS B 44 -4.75 -22.55 40.66
C LYS B 44 -5.08 -22.58 42.16
N GLU B 45 -4.08 -22.33 43.00
CA GLU B 45 -4.26 -22.18 44.45
C GLU B 45 -5.29 -21.10 44.77
N ASN B 46 -5.43 -20.11 43.86
CA ASN B 46 -6.39 -19.03 44.03
C ASN B 46 -7.72 -19.25 43.30
N LEU B 47 -7.68 -19.80 42.09
CA LEU B 47 -8.92 -20.08 41.33
C LEU B 47 -9.83 -21.08 42.06
N ASP B 48 -9.23 -22.04 42.74
CA ASP B 48 -9.98 -23.03 43.50
C ASP B 48 -10.34 -22.52 44.89
N LYS B 49 -9.42 -21.76 45.51
CA LYS B 49 -9.72 -21.00 46.72
C LYS B 49 -10.93 -20.06 46.51
N LEU B 50 -10.96 -19.35 45.38
CA LEU B 50 -12.11 -18.50 45.04
C LEU B 50 -13.40 -19.30 44.89
N GLU B 51 -13.34 -20.38 44.10
CA GLU B 51 -14.51 -21.20 43.79
C GLU B 51 -15.05 -21.87 45.06
N ASN B 52 -14.15 -22.46 45.83
CA ASN B 52 -14.53 -23.09 47.08
C ASN B 52 -15.13 -22.09 48.08
N TYR B 53 -14.69 -20.84 47.98
CA TYR B 53 -15.23 -19.78 48.84
C TYR B 53 -16.68 -19.48 48.50
N VAL B 54 -16.99 -19.43 47.20
CA VAL B 54 -18.36 -19.24 46.71
C VAL B 54 -19.19 -20.45 47.08
N LYS B 55 -18.62 -21.64 46.92
CA LYS B 55 -19.31 -22.88 47.31
C LYS B 55 -19.63 -22.91 48.79
N ASP B 56 -18.66 -22.53 49.63
CA ASP B 56 -18.84 -22.45 51.09
C ASP B 56 -19.86 -21.39 51.49
N VAL B 57 -19.80 -20.23 50.84
CA VAL B 57 -20.77 -19.16 51.09
C VAL B 57 -22.19 -19.62 50.77
N VAL B 58 -22.35 -20.22 49.59
CA VAL B 58 -23.63 -20.78 49.19
C VAL B 58 -24.08 -21.84 50.21
N LYS B 59 -23.20 -22.81 50.46
CA LYS B 59 -23.45 -23.93 51.38
C LYS B 59 -23.89 -23.46 52.78
N ALA B 60 -23.39 -22.29 53.19
CA ALA B 60 -23.74 -21.72 54.50
C ALA B 60 -24.97 -20.81 54.44
N LYS B 61 -25.20 -20.17 53.29
CA LYS B 61 -26.43 -19.41 53.04
C LYS B 61 -27.63 -20.33 52.82
N GLY B 62 -27.35 -21.60 52.55
CA GLY B 62 -28.38 -22.63 52.42
C GLY B 62 -29.05 -22.62 51.06
N LEU B 63 -28.31 -22.17 50.05
CA LEU B 63 -28.85 -22.00 48.71
C LEU B 63 -28.34 -23.07 47.75
N ALA B 64 -28.90 -23.11 46.56
CA ALA B 64 -28.46 -24.06 45.55
C ALA B 64 -27.03 -23.77 45.08
N ILE B 65 -26.29 -24.83 44.80
CA ILE B 65 -24.93 -24.73 44.29
C ILE B 65 -24.97 -24.23 42.85
N PRO B 66 -24.22 -23.15 42.56
CA PRO B 66 -24.16 -22.63 41.19
C PRO B 66 -23.71 -23.70 40.19
N THR B 67 -24.15 -23.60 38.95
CA THR B 67 -23.87 -24.61 37.92
C THR B 67 -22.43 -24.55 37.45
N SER B 68 -21.98 -25.61 36.75
CA SER B 68 -20.63 -25.63 36.14
C SER B 68 -20.43 -24.45 35.20
N GLY B 69 -21.47 -24.14 34.44
CA GLY B 69 -21.44 -23.03 33.48
C GLY B 69 -21.21 -21.70 34.18
N ALA B 70 -21.82 -21.52 35.35
CA ALA B 70 -21.67 -20.31 36.14
C ALA B 70 -20.23 -20.16 36.62
N PHE B 71 -19.65 -21.25 37.11
CA PHE B 71 -18.26 -21.26 37.56
C PHE B 71 -17.26 -21.09 36.42
N SER B 72 -17.52 -21.74 35.29
CA SER B 72 -16.64 -21.60 34.11
C SER B 72 -16.48 -20.13 33.69
N ASN B 73 -17.60 -19.44 33.49
CA ASN B 73 -17.62 -18.00 33.27
C ASN B 73 -16.84 -17.22 34.36
N THR B 74 -17.18 -17.46 35.63
CA THR B 74 -16.56 -16.76 36.74
C THR B 74 -15.02 -16.94 36.75
N ARG B 75 -14.58 -18.17 36.52
CA ARG B 75 -13.17 -18.51 36.55
C ARG B 75 -12.38 -17.73 35.53
N GLY B 76 -12.90 -17.65 34.31
CA GLY B 76 -12.32 -16.82 33.26
C GLY B 76 -12.17 -15.37 33.63
N THR B 77 -13.15 -14.84 34.37
CA THR B 77 -13.08 -13.47 34.89
C THR B 77 -11.94 -13.36 35.90
N TRP B 78 -11.94 -14.27 36.87
CA TRP B 78 -10.97 -14.29 37.95
C TRP B 78 -9.53 -14.32 37.45
N PHE B 79 -9.27 -15.17 36.45
CA PHE B 79 -7.94 -15.35 35.87
C PHE B 79 -7.47 -14.10 35.14
N GLU B 80 -8.38 -13.50 34.38
CA GLU B 80 -8.10 -12.28 33.61
C GLU B 80 -7.79 -11.07 34.49
N VAL B 81 -8.56 -10.93 35.59
CA VAL B 81 -8.45 -9.78 36.48
C VAL B 81 -7.17 -9.87 37.27
N MET B 82 -6.86 -11.07 37.74
CA MET B 82 -5.58 -11.38 38.38
C MET B 82 -4.41 -10.97 37.49
N ILE B 83 -4.43 -11.42 36.23
CA ILE B 83 -3.37 -11.10 35.26
C ILE B 83 -3.35 -9.61 34.90
N ALA B 84 -4.51 -8.97 34.92
CA ALA B 84 -4.59 -7.54 34.64
C ALA B 84 -3.97 -6.68 35.76
N ILE B 85 -4.34 -6.95 37.01
CA ILE B 85 -3.75 -6.31 38.19
C ILE B 85 -2.23 -6.50 38.22
N GLN B 86 -1.79 -7.72 37.93
CA GLN B 86 -0.37 -8.05 37.92
C GLN B 86 0.41 -7.22 36.89
N SER B 87 -0.13 -7.11 35.67
CA SER B 87 0.51 -6.35 34.58
C SER B 87 0.54 -4.85 34.86
N TRP B 88 -0.50 -4.32 35.52
CA TRP B 88 -0.50 -2.94 36.03
C TRP B 88 0.65 -2.72 37.02
N ASN B 89 0.83 -3.67 37.94
CA ASN B 89 1.87 -3.62 38.97
C ASN B 89 3.26 -3.91 38.39
N TYR B 90 3.31 -4.83 37.42
CA TYR B 90 4.56 -5.19 36.77
C TYR B 90 5.25 -3.98 36.15
N ARG B 91 4.53 -3.23 35.29
CA ARG B 91 5.09 -2.06 34.63
C ARG B 91 5.53 -0.95 35.59
N VAL B 92 4.84 -0.81 36.73
CA VAL B 92 5.20 0.18 37.75
C VAL B 92 6.57 -0.14 38.36
N LYS B 93 6.68 -1.34 38.93
CA LYS B 93 7.87 -1.82 39.63
C LYS B 93 9.07 -1.84 38.68
N ARG B 94 8.87 -2.36 37.48
CA ARG B 94 9.91 -2.41 36.44
C ARG B 94 10.18 -1.06 35.75
N GLU B 95 9.48 -0.02 36.20
CA GLU B 95 9.69 1.36 35.75
C GLU B 95 9.79 1.49 34.22
N LEU B 96 8.77 1.01 33.53
CA LEU B 96 8.67 1.16 32.08
C LEU B 96 7.69 2.29 31.76
N ASN B 97 8.22 3.51 31.71
CA ASN B 97 7.40 4.70 31.50
C ASN B 97 7.18 5.06 30.01
N ASP B 98 6.97 4.03 29.19
CA ASP B 98 6.60 4.16 27.78
C ASP B 98 5.81 2.93 27.28
N TYR B 99 5.36 2.11 28.23
CA TYR B 99 4.64 0.91 27.92
C TYR B 99 3.35 0.85 28.73
N LEU B 100 2.27 0.51 28.05
CA LEU B 100 1.01 0.20 28.70
C LEU B 100 0.69 -1.25 28.40
N ILE B 101 0.13 -1.93 29.39
CA ILE B 101 -0.37 -3.30 29.25
C ILE B 101 -1.85 -3.25 29.63
N ILE B 102 -2.72 -3.49 28.65
CA ILE B 102 -4.13 -3.17 28.79
C ILE B 102 -5.09 -4.35 28.68
N LYS B 103 -5.90 -4.55 29.71
CA LYS B 103 -7.03 -5.48 29.68
C LYS B 103 -8.15 -4.85 28.87
N MET B 104 -8.45 -5.46 27.73
CA MET B 104 -9.52 -4.97 26.84
C MET B 104 -10.87 -5.56 27.21
N PRO B 105 -11.96 -4.78 27.01
CA PRO B 105 -13.30 -5.33 27.21
C PRO B 105 -13.76 -6.02 25.93
N ASN B 106 -15.06 -6.27 25.77
CA ASN B 106 -15.56 -6.97 24.58
C ASN B 106 -15.68 -6.08 23.33
N VAL B 107 -15.85 -6.70 22.18
CA VAL B 107 -15.84 -6.02 20.87
C VAL B 107 -16.95 -4.99 20.63
N LYS B 108 -18.03 -5.02 21.40
CA LYS B 108 -19.05 -3.96 21.35
C LYS B 108 -18.70 -2.78 22.26
N THR B 109 -18.34 -3.08 23.51
CA THR B 109 -17.90 -2.06 24.48
C THR B 109 -16.84 -1.12 23.90
N PHE B 110 -15.89 -1.71 23.16
CA PHE B 110 -14.72 -1.00 22.64
C PHE B 110 -14.00 -1.94 21.69
N ASP B 111 -14.28 -1.80 20.40
CA ASP B 111 -13.57 -2.56 19.38
C ASP B 111 -12.12 -2.13 19.48
N PHE B 112 -11.19 -3.09 19.40
CA PHE B 112 -9.76 -2.80 19.51
C PHE B 112 -9.28 -1.78 18.47
N ARG B 113 -9.99 -1.68 17.34
CA ARG B 113 -9.62 -0.74 16.28
C ARG B 113 -9.71 0.73 16.71
N LYS B 114 -10.44 0.98 17.80
CA LYS B 114 -10.65 2.33 18.32
C LYS B 114 -9.45 2.89 19.11
N ILE B 115 -8.41 2.08 19.27
CA ILE B 115 -7.15 2.58 19.84
C ILE B 115 -6.39 3.45 18.84
N PHE B 116 -6.56 3.15 17.56
CA PHE B 116 -5.80 3.80 16.50
C PHE B 116 -6.19 5.25 16.25
N ASP B 117 -5.23 6.03 15.75
CA ASP B 117 -5.43 7.42 15.38
C ASP B 117 -6.27 7.53 14.11
N ASN B 118 -6.62 8.74 13.72
CA ASN B 118 -7.51 8.93 12.59
C ASN B 118 -6.95 8.46 11.23
N GLU B 119 -5.65 8.67 11.02
CA GLU B 119 -5.01 8.22 9.77
C GLU B 119 -5.06 6.70 9.62
N THR B 120 -4.71 5.98 10.69
CA THR B 120 -4.71 4.52 10.65
C THR B 120 -6.15 3.97 10.57
N ARG B 121 -7.08 4.64 11.26
CA ARG B 121 -8.48 4.21 11.22
C ARG B 121 -9.04 4.28 9.81
N GLU B 122 -8.75 5.39 9.13
CA GLU B 122 -9.15 5.57 7.74
C GLU B 122 -8.58 4.49 6.83
N LYS B 123 -7.31 4.13 7.06
CA LYS B 123 -6.67 3.06 6.29
C LYS B 123 -7.46 1.76 6.42
N LEU B 124 -7.86 1.44 7.66
CA LEU B 124 -8.67 0.27 7.95
C LEU B 124 -10.06 0.35 7.35
N HIS B 125 -10.67 1.54 7.41
CA HIS B 125 -11.94 1.79 6.75
C HIS B 125 -11.85 1.52 5.23
N GLN B 126 -10.79 2.02 4.59
CA GLN B 126 -10.51 1.73 3.18
C GLN B 126 -10.52 0.23 2.86
N LEU B 127 -9.82 -0.55 3.68
CA LEU B 127 -9.77 -2.00 3.50
C LEU B 127 -11.13 -2.66 3.69
N GLU B 128 -11.77 -2.40 4.83
N GLU B 128 -11.76 -2.42 4.84
CA GLU B 128 -13.02 -3.07 5.18
CA GLU B 128 -13.05 -3.05 5.19
C GLU B 128 -14.27 -2.43 4.54
C GLU B 128 -14.14 -2.66 4.21
N LYS B 129 -14.05 -1.45 3.66
CA LYS B 129 -15.09 -0.94 2.76
C LYS B 129 -14.96 -1.61 1.39
N SER B 130 -13.72 -1.76 0.91
CA SER B 130 -13.48 -2.44 -0.36
C SER B 130 -13.83 -3.92 -0.26
N LEU B 131 -13.61 -4.51 0.92
CA LEU B 131 -13.96 -5.92 1.16
C LEU B 131 -15.46 -6.18 1.04
N LEU B 132 -16.26 -5.12 1.20
CA LEU B 132 -17.71 -5.19 1.07
C LEU B 132 -18.21 -4.81 -0.32
N THR B 133 -17.41 -4.00 -1.04
CA THR B 133 -17.76 -3.59 -2.40
C THR B 133 -17.46 -4.75 -3.36
N HIS B 134 -18.19 -5.83 -3.17
CA HIS B 134 -18.01 -7.09 -3.90
C HIS B 134 -19.30 -7.89 -3.85
N LYS B 135 -19.45 -8.83 -4.80
CA LYS B 135 -20.63 -9.67 -4.91
C LYS B 135 -20.73 -10.63 -3.71
N GLN B 136 -19.59 -11.19 -3.33
CA GLN B 136 -19.46 -11.92 -2.06
C GLN B 136 -18.92 -10.96 -1.00
N GLN B 137 -19.80 -10.48 -0.11
CA GLN B 137 -19.41 -9.56 0.96
C GLN B 137 -18.44 -10.21 1.97
N VAL B 138 -17.30 -9.56 2.19
CA VAL B 138 -16.22 -10.09 3.01
C VAL B 138 -15.90 -9.19 4.21
N ARG B 139 -15.63 -9.80 5.38
CA ARG B 139 -15.26 -9.05 6.57
C ARG B 139 -14.02 -9.63 7.25
N LEU B 140 -13.50 -8.89 8.22
CA LEU B 140 -12.48 -9.41 9.12
C LEU B 140 -12.93 -9.31 10.58
N ILE B 141 -13.58 -10.37 11.09
CA ILE B 141 -14.06 -10.35 12.48
C ILE B 141 -13.37 -11.32 13.43
N THR B 142 -12.92 -10.80 14.56
CA THR B 142 -12.43 -11.62 15.66
C THR B 142 -12.95 -11.10 17.00
N SER B 143 -12.84 -11.93 18.04
CA SER B 143 -13.06 -11.41 19.38
C SER B 143 -11.86 -10.54 19.75
N ASN B 144 -12.06 -9.59 20.67
CA ASN B 144 -10.97 -8.71 21.12
C ASN B 144 -9.86 -9.49 21.84
N PRO B 145 -8.60 -9.11 21.63
CA PRO B 145 -7.53 -9.74 22.41
C PRO B 145 -7.64 -9.35 23.88
N ASP B 146 -7.45 -10.30 24.79
CA ASP B 146 -7.55 -10.04 26.24
C ASP B 146 -6.63 -8.91 26.71
N LEU B 147 -5.36 -8.97 26.30
CA LEU B 147 -4.39 -7.94 26.62
C LEU B 147 -3.75 -7.35 25.34
N LEU B 148 -3.61 -6.04 25.31
CA LEU B 148 -2.82 -5.39 24.27
C LEU B 148 -1.65 -4.67 24.91
N ILE B 149 -0.48 -4.74 24.28
CA ILE B 149 0.70 -4.04 24.78
C ILE B 149 1.10 -2.93 23.81
N ILE B 150 1.22 -1.72 24.35
CA ILE B 150 1.47 -0.52 23.58
C ILE B 150 2.78 0.13 24.04
N ARG B 151 3.59 0.55 23.06
CA ARG B 151 4.78 1.33 23.30
C ARG B 151 4.60 2.73 22.68
N GLN B 152 4.21 3.69 23.51
CA GLN B 152 4.06 5.09 23.10
C GLN B 152 4.20 5.99 24.32
N LYS B 153 5.15 6.91 24.27
CA LYS B 153 5.56 7.72 25.42
C LYS B 153 4.49 8.71 25.91
N ASP B 154 3.74 9.32 25.00
CA ASP B 154 2.76 10.35 25.39
C ASP B 154 1.47 9.82 26.06
N LEU B 155 1.24 8.51 25.98
CA LEU B 155 0.05 7.91 26.57
C LEU B 155 0.15 7.74 28.09
N ILE B 156 1.37 7.77 28.62
CA ILE B 156 1.60 7.49 30.04
C ILE B 156 1.28 8.68 30.93
N LYS B 157 0.54 8.42 32.00
CA LYS B 157 0.18 9.42 32.99
C LYS B 157 0.71 9.01 34.35
N SER B 158 1.20 9.99 35.12
CA SER B 158 1.68 9.75 36.48
C SER B 158 0.69 8.94 37.34
N GLU B 159 -0.60 9.03 36.99
CA GLU B 159 -1.66 8.23 37.63
C GLU B 159 -1.43 6.72 37.50
N TYR B 160 -0.81 6.30 36.39
CA TYR B 160 -0.60 4.87 36.11
C TYR B 160 0.47 4.26 37.00
N ASN B 161 1.30 5.10 37.59
CA ASN B 161 2.42 4.64 38.41
C ASN B 161 2.08 4.36 39.88
N LEU B 162 0.80 4.47 40.23
CA LEU B 162 0.32 4.07 41.56
C LEU B 162 -0.04 2.58 41.57
N PRO B 163 0.66 1.80 42.42
CA PRO B 163 0.43 0.35 42.46
C PRO B 163 -0.94 -0.01 43.02
N ILE B 164 -1.46 -1.16 42.59
CA ILE B 164 -2.70 -1.67 43.14
C ILE B 164 -2.35 -2.62 44.29
N ASN B 165 -2.48 -2.12 45.51
CA ASN B 165 -2.14 -2.88 46.71
C ASN B 165 -3.23 -3.88 47.09
N LYS B 166 -4.47 -3.41 47.07
CA LYS B 166 -5.62 -4.19 47.54
C LYS B 166 -6.75 -4.17 46.52
N LEU B 167 -7.45 -5.30 46.40
CA LEU B 167 -8.52 -5.41 45.42
C LEU B 167 -9.82 -4.84 45.94
N THR B 168 -10.00 -3.53 45.78
CA THR B 168 -11.26 -2.88 46.11
C THR B 168 -12.05 -2.70 44.84
N HIS B 169 -13.27 -2.18 44.97
CA HIS B 169 -14.09 -1.80 43.82
C HIS B 169 -13.41 -0.70 42.99
N GLU B 170 -12.59 0.13 43.62
CA GLU B 170 -11.94 1.26 42.95
C GLU B 170 -10.74 0.84 42.08
N ASN B 171 -9.99 -0.17 42.53
CA ASN B 171 -8.78 -0.61 41.85
C ASN B 171 -9.02 -1.55 40.69
N ILE B 172 -9.86 -2.57 40.91
CA ILE B 172 -10.32 -3.43 39.84
C ILE B 172 -10.91 -2.52 38.76
N ASP B 173 -11.63 -1.50 39.21
CA ASP B 173 -12.28 -0.53 38.35
C ASP B 173 -11.28 0.23 37.45
N VAL B 174 -10.23 0.81 38.05
CA VAL B 174 -9.29 1.61 37.26
C VAL B 174 -8.52 0.79 36.22
N ALA B 175 -8.13 -0.42 36.60
CA ALA B 175 -7.40 -1.32 35.70
C ALA B 175 -8.28 -1.74 34.52
N LEU B 176 -9.54 -2.01 34.82
CA LEU B 176 -10.51 -2.42 33.81
C LEU B 176 -11.01 -1.27 32.94
N THR B 177 -10.75 -0.03 33.35
CA THR B 177 -11.16 1.14 32.57
C THR B 177 -9.98 1.96 32.06
N LEU B 178 -8.82 1.30 31.91
CA LEU B 178 -7.60 1.93 31.39
C LEU B 178 -7.69 2.19 29.89
N PHE B 179 -8.40 1.31 29.18
CA PHE B 179 -8.55 1.40 27.72
C PHE B 179 -9.15 2.73 27.29
N LYS B 180 -10.00 3.31 28.14
CA LYS B 180 -10.72 4.54 27.83
C LYS B 180 -9.76 5.67 27.53
N ASP B 181 -8.61 5.65 28.21
CA ASP B 181 -7.60 6.72 28.12
C ASP B 181 -6.83 6.75 26.80
N ILE B 182 -6.83 5.64 26.07
CA ILE B 182 -6.01 5.53 24.87
C ILE B 182 -6.79 5.60 23.56
N GLU B 183 -8.12 5.68 23.69
CA GLU B 183 -8.99 5.72 22.51
C GLU B 183 -8.59 6.83 21.54
N GLY B 184 -8.31 6.44 20.30
CA GLY B 184 -8.01 7.37 19.22
C GLY B 184 -6.71 8.14 19.34
N LYS B 185 -5.68 7.49 19.89
CA LYS B 185 -4.41 8.16 20.19
C LYS B 185 -3.16 7.39 19.79
N CYS B 186 -3.33 6.11 19.43
CA CYS B 186 -2.19 5.23 19.13
C CYS B 186 -1.88 5.21 17.66
N LYS B 187 -0.60 5.38 17.33
CA LYS B 187 -0.11 5.18 15.96
C LYS B 187 -0.08 3.68 15.69
N TRP B 188 -0.31 3.28 14.44
CA TRP B 188 -0.45 1.88 14.05
C TRP B 188 0.70 1.00 14.54
N ASP B 189 1.92 1.55 14.51
CA ASP B 189 3.12 0.82 14.90
C ASP B 189 3.49 1.06 16.37
N SER B 190 2.58 1.67 17.12
CA SER B 190 2.71 1.65 18.58
C SER B 190 2.22 0.31 19.13
N LEU B 191 1.28 -0.33 18.43
CA LEU B 191 0.72 -1.62 18.83
C LEU B 191 1.74 -2.73 18.61
N VAL B 192 2.35 -3.20 19.70
CA VAL B 192 3.44 -4.18 19.60
C VAL B 192 3.05 -5.64 19.80
N ALA B 193 2.12 -5.91 20.73
CA ALA B 193 1.68 -7.28 21.01
C ALA B 193 0.23 -7.42 21.49
N GLY B 194 -0.32 -8.61 21.31
CA GLY B 194 -1.59 -9.00 21.91
C GLY B 194 -1.41 -10.32 22.67
N VAL B 195 -2.30 -10.57 23.64
CA VAL B 195 -2.30 -11.82 24.39
C VAL B 195 -3.71 -12.36 24.60
N GLY B 196 -3.90 -13.66 24.34
CA GLY B 196 -5.13 -14.37 24.69
C GLY B 196 -4.93 -15.21 25.93
N LEU B 197 -5.85 -15.09 26.88
CA LEU B 197 -5.72 -15.75 28.19
C LEU B 197 -6.80 -16.80 28.43
N LYS B 198 -6.39 -18.01 28.77
CA LYS B 198 -7.33 -19.09 29.07
C LYS B 198 -6.94 -19.82 30.36
N THR B 199 -7.95 -20.21 31.15
CA THR B 199 -7.68 -20.99 32.38
C THR B 199 -7.19 -22.38 31.99
N SER B 200 -7.76 -22.90 30.90
CA SER B 200 -7.41 -24.21 30.38
C SER B 200 -7.62 -24.20 28.87
N LEU B 201 -7.05 -25.19 28.20
CA LEU B 201 -7.16 -25.31 26.76
C LEU B 201 -8.01 -26.51 26.40
N ARG B 202 -8.56 -26.49 25.19
CA ARG B 202 -9.16 -27.67 24.60
C ARG B 202 -8.67 -27.76 23.16
N PRO B 203 -8.77 -28.94 22.54
CA PRO B 203 -8.35 -29.02 21.13
C PRO B 203 -9.21 -28.18 20.19
N ASP B 204 -10.41 -27.81 20.60
CA ASP B 204 -11.21 -26.88 19.79
C ASP B 204 -10.96 -25.43 20.21
N ARG B 205 -11.16 -25.12 21.47
CA ARG B 205 -11.04 -23.75 21.96
C ARG B 205 -9.66 -23.12 21.72
N ARG B 206 -8.60 -23.93 21.73
CA ARG B 206 -7.23 -23.41 21.53
C ARG B 206 -7.06 -22.80 20.13
N LEU B 207 -7.97 -23.13 19.21
CA LEU B 207 -7.95 -22.52 17.88
C LEU B 207 -8.45 -21.08 17.84
N GLN B 208 -9.21 -20.68 18.87
N GLN B 208 -9.20 -20.67 18.87
CA GLN B 208 -9.63 -19.29 19.02
CA GLN B 208 -9.64 -19.28 18.98
C GLN B 208 -8.41 -18.39 19.00
C GLN B 208 -8.40 -18.38 18.98
N LEU B 209 -7.31 -18.89 19.56
CA LEU B 209 -6.04 -18.18 19.62
C LEU B 209 -5.39 -18.02 18.24
N VAL B 210 -5.48 -19.07 17.43
CA VAL B 210 -4.91 -19.06 16.09
C VAL B 210 -5.67 -18.09 15.21
N HIS B 211 -7.00 -18.15 15.31
CA HIS B 211 -7.85 -17.24 14.56
C HIS B 211 -7.56 -15.80 14.96
N GLU B 212 -7.66 -15.49 16.25
CA GLU B 212 -7.40 -14.12 16.69
C GLU B 212 -6.08 -13.61 16.16
N GLY B 213 -5.06 -14.46 16.18
CA GLY B 213 -3.73 -14.08 15.74
C GLY B 213 -3.67 -13.85 14.24
N ASN B 214 -4.37 -14.70 13.51
CA ASN B 214 -4.38 -14.60 12.06
C ASN B 214 -5.10 -13.33 11.57
N ILE B 215 -6.26 -13.03 12.15
CA ILE B 215 -7.01 -11.83 11.79
C ILE B 215 -6.25 -10.56 12.21
N LEU B 216 -5.71 -10.52 13.43
CA LEU B 216 -4.90 -9.36 13.89
C LEU B 216 -3.69 -9.09 13.00
N LYS B 217 -2.97 -10.15 12.63
CA LYS B 217 -1.77 -10.00 11.80
C LYS B 217 -2.08 -9.60 10.35
N SER B 218 -3.26 -9.99 9.87
CA SER B 218 -3.72 -9.64 8.53
C SER B 218 -4.07 -8.15 8.45
N LEU B 219 -4.76 -7.64 9.48
CA LEU B 219 -5.01 -6.21 9.60
C LEU B 219 -3.69 -5.44 9.64
N PHE B 220 -2.76 -5.91 10.48
CA PHE B 220 -1.49 -5.23 10.67
C PHE B 220 -0.60 -5.27 9.42
N ALA B 221 -0.64 -6.38 8.67
CA ALA B 221 0.11 -6.55 7.42
C ALA B 221 -0.31 -5.51 6.37
N HIS B 222 -1.62 -5.30 6.24
N HIS B 222 -1.62 -5.32 6.23
CA HIS B 222 -2.15 -4.29 5.34
CA HIS B 222 -2.19 -4.29 5.36
C HIS B 222 -1.69 -2.88 5.72
C HIS B 222 -1.61 -2.93 5.72
N LEU B 223 -1.60 -2.62 7.02
CA LEU B 223 -1.05 -1.35 7.53
C LEU B 223 0.43 -1.23 7.19
N LYS B 224 1.15 -2.35 7.21
CA LYS B 224 2.56 -2.38 6.79
C LYS B 224 2.75 -1.98 5.33
N MET B 225 1.91 -2.49 4.43
CA MET B 225 1.94 -2.13 3.01
C MET B 225 1.58 -0.67 2.79
N ALA B 226 0.47 -0.24 3.41
CA ALA B 226 -0.07 1.10 3.27
C ALA B 226 0.90 2.17 3.76
N TYR B 227 1.75 1.82 4.70
CA TYR B 227 2.76 2.76 5.15
C TYR B 227 4.13 2.37 4.60
N TRP B 228 4.15 1.32 3.77
CA TRP B 228 5.37 0.78 3.18
C TRP B 228 6.52 0.79 4.20
N ASN B 229 6.31 0.08 5.31
CA ASN B 229 7.29 -0.03 6.38
C ASN B 229 7.57 -1.47 6.79
N PRO B 230 8.69 -2.05 6.31
CA PRO B 230 9.02 -3.44 6.62
C PRO B 230 9.49 -3.69 8.06
N LYS B 231 9.95 -2.64 8.74
CA LYS B 231 10.61 -2.77 10.06
C LYS B 231 9.71 -3.16 11.25
N ALA B 232 8.64 -2.40 11.50
CA ALA B 232 7.80 -2.61 12.67
C ALA B 232 6.98 -3.88 12.56
N GLU B 233 6.74 -4.54 13.69
CA GLU B 233 6.02 -5.82 13.68
C GLU B 233 5.03 -5.98 14.85
N PHE B 234 4.06 -6.85 14.66
CA PHE B 234 3.09 -7.17 15.70
C PHE B 234 3.20 -8.65 16.05
N LYS B 235 3.12 -8.96 17.33
CA LYS B 235 3.14 -10.35 17.76
C LYS B 235 1.95 -10.70 18.62
N TYR B 236 1.48 -11.94 18.50
CA TYR B 236 0.33 -12.40 19.26
C TYR B 236 0.67 -13.61 20.13
N TYR B 237 0.18 -13.60 21.37
CA TYR B 237 0.55 -14.62 22.35
C TYR B 237 -0.64 -15.32 22.99
N GLY B 238 -0.42 -16.57 23.40
CA GLY B 238 -1.43 -17.30 24.17
C GLY B 238 -0.91 -17.56 25.57
N ALA B 239 -1.81 -17.61 26.54
CA ALA B 239 -1.40 -17.93 27.90
C ALA B 239 -2.45 -18.77 28.61
N SER B 240 -2.02 -19.91 29.14
CA SER B 240 -2.90 -20.82 29.88
C SER B 240 -2.49 -20.93 31.34
N SER B 241 -3.47 -21.26 32.19
CA SER B 241 -3.22 -21.44 33.61
C SER B 241 -2.80 -22.88 33.92
N GLU B 242 -3.00 -23.77 32.95
CA GLU B 242 -2.65 -25.17 33.10
C GLU B 242 -1.40 -25.51 32.28
N PRO B 243 -0.79 -26.69 32.52
CA PRO B 243 0.29 -27.14 31.63
C PRO B 243 -0.17 -27.20 30.17
N VAL B 244 0.77 -27.02 29.25
CA VAL B 244 0.51 -26.96 27.82
C VAL B 244 1.05 -28.23 27.19
N SER B 245 0.16 -29.06 26.64
CA SER B 245 0.58 -30.32 26.02
C SER B 245 1.39 -30.08 24.74
N LYS B 246 2.00 -31.16 24.22
CA LYS B 246 2.71 -31.11 22.95
C LYS B 246 1.72 -30.82 21.83
N ALA B 247 0.53 -31.42 21.93
CA ALA B 247 -0.52 -31.22 20.96
C ALA B 247 -1.00 -29.77 20.96
N ASP B 248 -1.19 -29.21 22.16
CA ASP B 248 -1.46 -27.78 22.32
C ASP B 248 -0.40 -27.00 21.58
N ASP B 249 0.84 -27.46 21.69
CA ASP B 249 2.01 -26.76 21.18
C ASP B 249 2.05 -26.81 19.65
N ASP B 250 1.89 -28.01 19.10
CA ASP B 250 1.89 -28.21 17.65
C ASP B 250 0.80 -27.35 16.99
N ALA B 251 -0.41 -27.44 17.54
CA ALA B 251 -1.56 -26.70 17.00
C ALA B 251 -1.33 -25.20 17.00
N LEU B 252 -0.70 -24.69 18.06
CA LEU B 252 -0.44 -23.26 18.13
C LEU B 252 0.81 -22.82 17.32
N GLN B 253 1.41 -23.74 16.56
CA GLN B 253 2.45 -23.38 15.60
C GLN B 253 1.83 -23.07 14.24
N THR B 254 0.50 -22.96 14.20
CA THR B 254 -0.22 -22.80 12.94
C THR B 254 0.00 -21.42 12.30
N ALA B 255 0.33 -21.44 11.01
CA ALA B 255 0.66 -20.24 10.25
C ALA B 255 -0.47 -19.23 10.15
N ALA B 256 -0.07 -17.97 10.07
CA ALA B 256 -0.89 -16.91 9.51
C ALA B 256 -0.85 -17.14 7.99
N THR B 257 -1.95 -17.63 7.44
CA THR B 257 -1.97 -18.18 6.07
C THR B 257 -1.60 -17.21 4.94
N HIS B 258 -1.66 -15.91 5.21
CA HIS B 258 -1.27 -14.95 4.18
C HIS B 258 0.25 -14.94 3.92
N THR B 259 1.03 -15.56 4.82
CA THR B 259 2.49 -15.54 4.75
C THR B 259 3.11 -16.81 4.14
N ILE B 260 2.28 -17.75 3.69
CA ILE B 260 2.77 -19.01 3.13
C ILE B 260 2.39 -19.26 1.67
N VAL B 261 1.89 -18.23 0.99
CA VAL B 261 1.40 -18.39 -0.39
C VAL B 261 2.53 -18.63 -1.38
N ASN B 262 3.59 -17.84 -1.29
CA ASN B 262 4.69 -17.87 -2.25
C ASN B 262 5.88 -18.69 -1.73
N VAL B 263 6.60 -19.34 -2.65
CA VAL B 263 7.67 -20.29 -2.30
C VAL B 263 8.84 -19.67 -1.55
N ASN B 264 9.10 -18.38 -1.78
CA ASN B 264 10.17 -17.68 -1.07
C ASN B 264 9.69 -16.88 0.14
N SER B 265 8.37 -16.80 0.30
CA SER B 265 7.77 -16.09 1.44
C SER B 265 8.22 -16.74 2.74
N THR B 266 8.57 -15.91 3.72
CA THR B 266 9.01 -16.43 5.01
C THR B 266 7.81 -16.60 5.96
N PRO B 267 7.47 -17.87 6.28
CA PRO B 267 6.31 -18.18 7.08
C PRO B 267 6.34 -17.54 8.47
N GLU B 268 5.17 -17.18 8.95
CA GLU B 268 5.01 -16.60 10.26
C GLU B 268 3.83 -17.29 10.96
N ARG B 269 4.08 -17.71 12.19
CA ARG B 269 3.03 -18.26 13.02
C ARG B 269 2.00 -17.21 13.38
N ALA B 270 0.74 -17.63 13.46
CA ALA B 270 -0.34 -16.74 13.88
C ALA B 270 -0.18 -16.43 15.36
N VAL B 271 0.14 -17.46 16.14
CA VAL B 271 0.47 -17.29 17.56
C VAL B 271 1.97 -17.53 17.70
N ASP B 272 2.70 -16.50 18.11
CA ASP B 272 4.16 -16.54 18.18
C ASP B 272 4.70 -17.41 19.33
N ASP B 273 3.90 -17.58 20.38
CA ASP B 273 4.30 -18.36 21.55
C ASP B 273 3.12 -18.57 22.53
N ILE B 274 3.18 -19.65 23.32
CA ILE B 274 2.16 -19.98 24.31
C ILE B 274 2.81 -20.19 25.68
N PHE B 275 2.28 -19.57 26.72
CA PHE B 275 2.91 -19.61 28.04
C PHE B 275 2.05 -20.38 29.03
N SER B 276 2.72 -21.04 29.98
CA SER B 276 2.03 -21.79 31.02
C SER B 276 2.18 -21.04 32.36
N LEU B 277 1.12 -20.33 32.74
CA LEU B 277 1.17 -19.42 33.88
C LEU B 277 0.67 -20.12 35.14
N THR B 278 1.60 -20.76 35.87
CA THR B 278 1.23 -21.55 37.05
C THR B 278 1.37 -20.74 38.33
N SER B 279 2.22 -19.72 38.30
CA SER B 279 2.40 -18.82 39.44
C SER B 279 2.42 -17.35 38.99
N PHE B 280 2.32 -16.42 39.94
CA PHE B 280 2.41 -14.99 39.63
C PHE B 280 3.79 -14.60 39.06
N GLU B 281 4.81 -15.40 39.37
CA GLU B 281 6.14 -15.22 38.79
C GLU B 281 6.22 -15.54 37.30
N ASP B 282 5.38 -16.49 36.86
CA ASP B 282 5.34 -16.90 35.46
C ASP B 282 4.80 -15.78 34.57
N ILE B 283 3.79 -15.06 35.09
CA ILE B 283 3.22 -13.87 34.45
C ILE B 283 4.31 -12.82 34.19
N ASP B 284 5.16 -12.58 35.19
CA ASP B 284 6.30 -11.68 35.07
C ASP B 284 7.30 -12.16 34.01
N LYS B 285 7.61 -13.47 34.04
CA LYS B 285 8.52 -14.06 33.07
C LYS B 285 7.93 -14.06 31.65
N MET B 286 6.60 -14.05 31.54
CA MET B 286 5.93 -13.94 30.25
C MET B 286 6.13 -12.53 29.67
N LEU B 287 5.88 -11.52 30.51
CA LEU B 287 5.94 -10.12 30.09
C LEU B 287 7.38 -9.67 29.83
N ASP B 288 8.34 -10.29 30.52
CA ASP B 288 9.76 -10.07 30.24
C ASP B 288 10.12 -10.48 28.80
N GLN B 289 9.41 -11.48 28.28
CA GLN B 289 9.66 -12.00 26.93
C GLN B 289 8.91 -11.25 25.84
N ILE B 290 7.74 -10.70 26.18
CA ILE B 290 6.89 -9.98 25.22
C ILE B 290 7.46 -8.58 24.92
N ILE B 291 8.00 -7.94 25.94
CA ILE B 291 8.59 -6.61 25.83
C ILE B 291 10.07 -6.73 25.40
N LYS B 292 10.45 -7.95 25.01
CA LYS B 292 11.71 -8.27 24.30
C LYS B 292 12.95 -7.49 24.71
#